data_5BX6
#
_entry.id   5BX6
#
_cell.length_a   72.349
_cell.length_b   75.315
_cell.length_c   80.480
_cell.angle_alpha   90.00
_cell.angle_beta   90.00
_cell.angle_gamma   90.00
#
_symmetry.space_group_name_H-M   'P 21 21 21'
#
loop_
_entity.id
_entity.type
_entity.pdbx_description
1 polymer 'cAMP-dependent protein kinase catalytic subunit alpha'
2 polymer 'cAMP-dependent protein kinase inhibitor alpha'
3 non-polymer 4-chlorophthalazin-1(2H)-one
4 non-polymer (4S)-2-METHYL-2,4-PENTANEDIOL
5 water water
#
loop_
_entity_poly.entity_id
_entity_poly.type
_entity_poly.pdbx_seq_one_letter_code
_entity_poly.pdbx_strand_id
1 'polypeptide(L)'
;MGNAAAAKKG(SEP)EQESVKEFLAKAKEDFLKKWESPAQNTAHLDQFERIKTLGTGSFGRVMLVKHKETGNHYAMKILD
KQKVVKLKQIEHTLNEKRILQAVNFPFLVKLEFSFKDNSNLYMVMEYVPGGEMFSHLRRIGRFSEPHARFYAAQIVLTFE
YLHSLDLIYRDLKPENLLIDQQGYIQVTDFGFAKRVKGRTW(TPO)LCGTPEYLAPEIILSKGYNKAVDWWALGVLIYEM
AAGYPPFFADQPIQIYEKIVSGKVRFPSHFSSDLKDLLRNLLQVDLTKRFGNLKNGVNDIKNHKWFATTDWIAIYQRKVE
APFIPKFKGPGDTSNFDDYEEEEIRV(SEP)INEKCGKEFSEF
;
A
2 'polypeptide(L)' TTYADFIASGRTGRRNAIHD B
#
loop_
_chem_comp.id
_chem_comp.type
_chem_comp.name
_chem_comp.formula
495 non-polymer 4-chlorophthalazin-1(2H)-one 'C8 H5 Cl N2 O'
MPD non-polymer (4S)-2-METHYL-2,4-PENTANEDIOL 'C6 H14 O2'
#
# COMPACT_ATOMS: atom_id res chain seq x y z
N ALA A 6 14.46 20.12 10.81
CA ALA A 6 14.28 19.28 9.64
C ALA A 6 15.55 19.27 8.79
N ALA A 7 16.36 20.31 8.93
CA ALA A 7 17.57 20.46 8.13
C ALA A 7 18.81 19.89 8.82
N LYS A 8 18.69 19.59 10.11
CA LYS A 8 19.84 19.15 10.90
C LYS A 8 20.38 17.78 10.47
N LYS A 9 21.71 17.67 10.45
CA LYS A 9 22.38 16.43 10.07
C LYS A 9 23.40 15.98 11.13
N GLY A 10 22.91 15.36 12.20
CA GLY A 10 23.77 14.91 13.28
C GLY A 10 23.84 13.40 13.42
N SEP A 11 23.85 12.94 14.68
CA SEP A 11 23.98 11.51 14.99
CB SEP A 11 24.22 11.33 16.49
OG SEP A 11 25.54 10.84 16.73
C SEP A 11 22.74 10.73 14.58
O SEP A 11 22.84 9.63 14.04
P SEP A 11 25.95 11.12 18.27
O1P SEP A 11 27.13 12.23 18.32
O2P SEP A 11 24.66 11.66 19.06
O3P SEP A 11 26.47 9.76 18.96
N GLU A 12 21.57 11.30 14.85
CA GLU A 12 20.31 10.65 14.55
C GLU A 12 20.18 10.33 13.06
N GLN A 13 20.54 11.30 12.23
CA GLN A 13 20.46 11.11 10.77
C GLN A 13 21.50 10.12 10.26
N GLU A 14 22.61 9.97 10.97
CA GLU A 14 23.63 9.00 10.56
C GLU A 14 23.19 7.56 10.90
N SER A 15 22.48 7.37 12.01
CA SER A 15 21.93 6.06 12.36
C SER A 15 20.92 5.60 11.30
N VAL A 16 20.09 6.53 10.85
CA VAL A 16 19.16 6.24 9.75
C VAL A 16 19.93 5.79 8.50
N LYS A 17 20.93 6.58 8.10
CA LYS A 17 21.73 6.23 6.91
C LYS A 17 22.32 4.83 7.00
N GLU A 18 22.92 4.51 8.15
CA GLU A 18 23.49 3.19 8.40
C GLU A 18 22.46 2.10 8.16
N PHE A 19 21.30 2.26 8.80
CA PHE A 19 20.22 1.29 8.64
C PHE A 19 19.84 1.13 7.17
N LEU A 20 19.66 2.24 6.48
CA LEU A 20 19.24 2.20 5.09
C LEU A 20 20.32 1.59 4.20
N ALA A 21 21.59 1.84 4.52
CA ALA A 21 22.69 1.24 3.76
C ALA A 21 22.69 -0.29 3.86
N LYS A 22 22.50 -0.81 5.06
CA LYS A 22 22.42 -2.27 5.24
C LYS A 22 21.19 -2.82 4.54
N ALA A 23 20.09 -2.07 4.62
CA ALA A 23 18.84 -2.50 4.00
C ALA A 23 19.01 -2.62 2.49
N LYS A 24 19.72 -1.67 1.89
CA LYS A 24 19.90 -1.69 0.44
C LYS A 24 20.80 -2.86 0.02
N GLU A 25 21.82 -3.14 0.83
CA GLU A 25 22.68 -4.29 0.57
C GLU A 25 21.86 -5.59 0.48
N ASP A 26 21.00 -5.83 1.47
CA ASP A 26 20.15 -7.01 1.52
C ASP A 26 19.22 -7.03 0.31
N PHE A 27 18.56 -5.89 0.07
CA PHE A 27 17.60 -5.82 -1.03
C PHE A 27 18.24 -6.09 -2.39
N LEU A 28 19.40 -5.50 -2.65
CA LEU A 28 20.02 -5.64 -3.97
C LEU A 28 20.42 -7.09 -4.27
N LYS A 29 20.88 -7.81 -3.27
CA LYS A 29 21.26 -9.20 -3.45
C LYS A 29 20.07 -10.02 -3.96
N LYS A 30 18.89 -9.76 -3.38
CA LYS A 30 17.67 -10.48 -3.77
C LYS A 30 17.05 -9.91 -5.04
N TRP A 31 17.23 -8.61 -5.23
CA TRP A 31 16.75 -7.96 -6.46
C TRP A 31 17.47 -8.55 -7.66
N GLU A 32 18.78 -8.76 -7.53
CA GLU A 32 19.58 -9.23 -8.65
C GLU A 32 19.46 -10.75 -8.85
N SER A 33 19.07 -11.46 -7.80
N SER A 33 19.05 -11.46 -7.80
CA SER A 33 18.92 -12.91 -7.84
CA SER A 33 18.92 -12.91 -7.86
C SER A 33 17.61 -13.33 -7.18
C SER A 33 17.62 -13.38 -7.22
N PRO A 34 16.49 -13.11 -7.89
CA PRO A 34 15.16 -13.38 -7.31
C PRO A 34 14.89 -14.84 -7.03
N ALA A 35 14.20 -15.09 -5.92
CA ALA A 35 13.70 -16.42 -5.59
C ALA A 35 12.55 -16.76 -6.54
N GLN A 36 12.44 -18.05 -6.87
CA GLN A 36 11.53 -18.50 -7.90
C GLN A 36 11.08 -19.91 -7.60
N ASN A 37 9.79 -20.20 -7.85
CA ASN A 37 9.25 -21.55 -7.73
C ASN A 37 9.50 -22.18 -6.37
N THR A 38 9.02 -21.57 -5.30
CA THR A 38 9.41 -22.04 -3.96
C THR A 38 8.30 -22.82 -3.28
N ALA A 39 7.20 -23.05 -3.98
CA ALA A 39 6.15 -23.93 -3.49
C ALA A 39 5.30 -24.43 -4.63
N HIS A 40 4.23 -25.16 -4.31
CA HIS A 40 3.30 -25.67 -5.31
C HIS A 40 1.89 -25.57 -4.79
N LEU A 41 0.92 -25.35 -5.67
CA LEU A 41 -0.47 -25.14 -5.28
C LEU A 41 -1.00 -26.26 -4.36
N ASP A 42 -0.58 -27.49 -4.63
CA ASP A 42 -1.11 -28.65 -3.90
C ASP A 42 -0.61 -28.73 -2.46
N GLN A 43 0.30 -27.85 -2.09
CA GLN A 43 0.82 -27.82 -0.73
C GLN A 43 -0.08 -26.98 0.16
N PHE A 44 -1.12 -26.39 -0.42
CA PHE A 44 -1.98 -25.47 0.29
C PHE A 44 -3.43 -25.90 0.21
N GLU A 45 -4.09 -25.87 1.36
CA GLU A 45 -5.53 -26.07 1.45
C GLU A 45 -6.21 -24.70 1.31
N ARG A 46 -7.09 -24.57 0.32
CA ARG A 46 -7.73 -23.29 0.05
C ARG A 46 -8.98 -23.14 0.92
N ILE A 47 -9.14 -22.01 1.60
CA ILE A 47 -10.19 -21.91 2.60
C ILE A 47 -11.30 -20.89 2.26
N LYS A 48 -10.91 -19.66 1.93
CA LYS A 48 -11.90 -18.62 1.79
C LYS A 48 -11.27 -17.41 1.13
N THR A 49 -12.06 -16.68 0.35
CA THR A 49 -11.56 -15.51 -0.34
C THR A 49 -11.53 -14.32 0.61
N LEU A 50 -10.37 -13.65 0.68
CA LEU A 50 -10.16 -12.49 1.55
C LEU A 50 -10.33 -11.15 0.83
N GLY A 51 -10.17 -11.17 -0.48
CA GLY A 51 -10.37 -9.98 -1.30
C GLY A 51 -10.25 -10.31 -2.78
N THR A 52 -10.65 -9.37 -3.63
CA THR A 52 -10.54 -9.57 -5.06
C THR A 52 -9.93 -8.34 -5.72
N GLY A 53 -9.29 -8.55 -6.86
CA GLY A 53 -8.78 -7.47 -7.69
C GLY A 53 -9.09 -7.73 -9.16
N SER A 54 -8.41 -7.03 -10.07
CA SER A 54 -8.67 -7.16 -11.50
C SER A 54 -8.24 -8.50 -12.10
N PHE A 55 -7.15 -9.07 -11.58
CA PHE A 55 -6.55 -10.24 -12.24
C PHE A 55 -6.92 -11.55 -11.55
N GLY A 56 -7.51 -11.43 -10.35
CA GLY A 56 -7.88 -12.57 -9.53
C GLY A 56 -8.24 -12.18 -8.12
N ARG A 57 -7.97 -13.08 -7.17
CA ARG A 57 -8.41 -12.94 -5.80
C ARG A 57 -7.27 -13.21 -4.81
N VAL A 58 -7.49 -12.85 -3.56
CA VAL A 58 -6.60 -13.29 -2.49
C VAL A 58 -7.41 -14.28 -1.65
N MET A 59 -6.85 -15.47 -1.42
CA MET A 59 -7.52 -16.48 -0.60
C MET A 59 -6.75 -16.82 0.67
N LEU A 60 -7.46 -16.99 1.76
CA LEU A 60 -6.90 -17.63 2.94
C LEU A 60 -6.59 -19.08 2.61
N VAL A 61 -5.36 -19.52 2.90
CA VAL A 61 -4.97 -20.90 2.71
C VAL A 61 -4.28 -21.45 3.94
N LYS A 62 -4.22 -22.77 4.04
CA LYS A 62 -3.43 -23.40 5.08
C LYS A 62 -2.34 -24.26 4.45
N HIS A 63 -1.09 -24.02 4.85
CA HIS A 63 0.04 -24.79 4.38
C HIS A 63 0.01 -26.15 5.06
N LYS A 64 -0.11 -27.22 4.27
CA LYS A 64 -0.33 -28.55 4.83
C LYS A 64 0.83 -29.03 5.70
N GLU A 65 2.07 -28.77 5.28
CA GLU A 65 3.21 -29.37 5.95
C GLU A 65 3.49 -28.72 7.31
N THR A 66 3.07 -27.48 7.47
CA THR A 66 3.32 -26.73 8.70
C THR A 66 2.06 -26.32 9.46
N GLY A 67 0.92 -26.33 8.79
CA GLY A 67 -0.32 -25.88 9.39
C GLY A 67 -0.41 -24.36 9.53
N ASN A 68 0.55 -23.64 8.96
CA ASN A 68 0.49 -22.18 8.96
C ASN A 68 -0.58 -21.69 8.00
N HIS A 69 -1.29 -20.62 8.37
CA HIS A 69 -2.18 -19.92 7.43
C HIS A 69 -1.44 -18.81 6.70
N TYR A 70 -1.83 -18.58 5.45
CA TYR A 70 -1.25 -17.54 4.61
C TYR A 70 -2.36 -16.93 3.77
N ALA A 71 -2.06 -15.78 3.17
CA ALA A 71 -2.95 -15.19 2.19
C ALA A 71 -2.34 -15.35 0.80
N MET A 72 -3.03 -16.09 -0.06
CA MET A 72 -2.48 -16.40 -1.37
C MET A 72 -3.15 -15.59 -2.47
N LYS A 73 -2.36 -14.74 -3.11
CA LYS A 73 -2.82 -13.95 -4.24
C LYS A 73 -2.73 -14.77 -5.52
N ILE A 74 -3.86 -14.88 -6.21
CA ILE A 74 -3.95 -15.66 -7.43
C ILE A 74 -4.21 -14.74 -8.61
N LEU A 75 -3.32 -14.76 -9.60
CA LEU A 75 -3.50 -13.97 -10.82
C LEU A 75 -3.62 -14.88 -12.03
N ASP A 76 -4.66 -14.66 -12.82
CA ASP A 76 -4.88 -15.38 -14.07
C ASP A 76 -3.97 -14.78 -15.17
N LYS A 77 -3.02 -15.57 -15.66
CA LYS A 77 -2.03 -15.06 -16.61
C LYS A 77 -2.68 -14.42 -17.84
N GLN A 78 -3.73 -15.04 -18.37
CA GLN A 78 -4.39 -14.49 -19.56
C GLN A 78 -5.05 -13.15 -19.27
N LYS A 79 -5.57 -12.98 -18.06
CA LYS A 79 -6.21 -11.71 -17.70
C LYS A 79 -5.17 -10.62 -17.50
N VAL A 80 -4.04 -10.97 -16.90
CA VAL A 80 -2.94 -10.02 -16.75
C VAL A 80 -2.50 -9.48 -18.11
N VAL A 81 -2.40 -10.38 -19.08
CA VAL A 81 -1.99 -10.00 -20.43
C VAL A 81 -3.03 -9.06 -21.06
N LYS A 82 -4.30 -9.43 -20.96
CA LYS A 82 -5.36 -8.61 -21.54
C LYS A 82 -5.37 -7.20 -20.96
N LEU A 83 -5.03 -7.08 -19.70
CA LEU A 83 -5.03 -5.77 -19.04
C LEU A 83 -3.69 -5.05 -19.18
N LYS A 84 -2.76 -5.66 -19.92
CA LYS A 84 -1.44 -5.08 -20.17
C LYS A 84 -0.66 -4.83 -18.89
N GLN A 85 -0.73 -5.79 -17.97
CA GLN A 85 -0.09 -5.67 -16.69
C GLN A 85 1.05 -6.67 -16.52
N ILE A 86 1.62 -7.13 -17.65
CA ILE A 86 2.67 -8.14 -17.55
C ILE A 86 3.84 -7.57 -16.76
N GLU A 87 4.38 -6.44 -17.22
CA GLU A 87 5.59 -5.89 -16.62
C GLU A 87 5.31 -5.45 -15.17
N HIS A 88 4.12 -4.89 -14.93
CA HIS A 88 3.74 -4.51 -13.57
C HIS A 88 3.68 -5.73 -12.63
N THR A 89 3.19 -6.86 -13.15
CA THR A 89 3.12 -8.06 -12.34
C THR A 89 4.53 -8.61 -12.05
N LEU A 90 5.41 -8.55 -13.05
CA LEU A 90 6.80 -8.96 -12.82
C LEU A 90 7.48 -8.03 -11.80
N ASN A 91 7.21 -6.73 -11.91
CA ASN A 91 7.68 -5.76 -10.90
C ASN A 91 7.23 -6.19 -9.50
N GLU A 92 5.93 -6.46 -9.37
CA GLU A 92 5.34 -6.75 -8.06
C GLU A 92 6.05 -7.89 -7.37
N LYS A 93 6.20 -9.01 -8.07
CA LYS A 93 6.80 -10.18 -7.45
C LYS A 93 8.31 -9.96 -7.23
N ARG A 94 8.99 -9.37 -8.21
CA ARG A 94 10.43 -9.19 -8.07
C ARG A 94 10.75 -8.30 -6.87
N ILE A 95 9.93 -7.25 -6.69
CA ILE A 95 10.14 -6.34 -5.56
C ILE A 95 9.76 -6.96 -4.22
N LEU A 96 8.60 -7.61 -4.17
CA LEU A 96 8.13 -8.23 -2.93
C LEU A 96 9.08 -9.30 -2.40
N GLN A 97 9.65 -10.13 -3.25
CA GLN A 97 10.54 -11.17 -2.73
C GLN A 97 11.88 -10.58 -2.28
N ALA A 98 12.13 -9.30 -2.58
CA ALA A 98 13.42 -8.69 -2.23
C ALA A 98 13.36 -7.75 -1.02
N VAL A 99 12.17 -7.25 -0.68
CA VAL A 99 12.11 -6.28 0.42
C VAL A 99 11.91 -6.95 1.78
N ASN A 100 12.16 -6.19 2.84
CA ASN A 100 12.05 -6.68 4.22
C ASN A 100 11.89 -5.51 5.19
N PHE A 101 10.68 -5.34 5.73
CA PHE A 101 10.36 -4.19 6.60
C PHE A 101 9.14 -4.53 7.44
N PRO A 102 9.09 -4.03 8.68
CA PRO A 102 8.01 -4.44 9.59
C PRO A 102 6.63 -4.13 9.01
N PHE A 103 6.49 -3.04 8.26
CA PHE A 103 5.17 -2.58 7.84
C PHE A 103 4.84 -2.92 6.40
N LEU A 104 5.58 -3.90 5.85
CA LEU A 104 5.29 -4.48 4.54
C LEU A 104 4.85 -5.93 4.73
N VAL A 105 3.73 -6.33 4.11
CA VAL A 105 3.35 -7.73 4.20
C VAL A 105 4.42 -8.60 3.52
N LYS A 106 4.84 -9.65 4.22
CA LYS A 106 5.93 -10.51 3.76
C LYS A 106 5.48 -11.55 2.73
N LEU A 107 6.25 -11.67 1.65
CA LEU A 107 6.04 -12.74 0.68
C LEU A 107 6.77 -14.00 1.15
N GLU A 108 6.04 -15.10 1.34
CA GLU A 108 6.62 -16.34 1.87
C GLU A 108 7.01 -17.30 0.74
N PHE A 109 6.17 -17.40 -0.28
CA PHE A 109 6.41 -18.30 -1.42
C PHE A 109 5.87 -17.68 -2.71
N SER A 110 6.45 -18.02 -3.85
CA SER A 110 5.79 -17.72 -5.12
C SER A 110 5.98 -18.89 -6.07
N PHE A 111 5.05 -19.04 -7.00
CA PHE A 111 5.14 -20.10 -8.00
C PHE A 111 4.08 -19.83 -9.07
N LYS A 112 4.08 -20.64 -10.12
CA LYS A 112 3.11 -20.47 -11.20
C LYS A 112 2.75 -21.86 -11.73
N ASP A 113 1.59 -21.98 -12.36
CA ASP A 113 1.26 -23.21 -13.06
C ASP A 113 0.78 -22.83 -14.46
N ASN A 114 0.11 -23.76 -15.15
CA ASN A 114 -0.31 -23.50 -16.52
C ASN A 114 -1.18 -22.26 -16.66
N SER A 115 -2.02 -21.99 -15.66
CA SER A 115 -3.01 -20.91 -15.77
C SER A 115 -2.70 -19.66 -14.98
N ASN A 116 -2.16 -19.83 -13.77
CA ASN A 116 -2.08 -18.74 -12.80
C ASN A 116 -0.70 -18.45 -12.25
N LEU A 117 -0.56 -17.26 -11.67
CA LEU A 117 0.60 -16.88 -10.88
C LEU A 117 0.15 -16.83 -9.44
N TYR A 118 1.04 -17.17 -8.52
CA TYR A 118 0.70 -17.27 -7.10
C TYR A 118 1.74 -16.58 -6.24
N MET A 119 1.27 -15.71 -5.34
CA MET A 119 2.16 -15.12 -4.33
C MET A 119 1.55 -15.39 -2.97
N VAL A 120 2.24 -16.20 -2.17
CA VAL A 120 1.72 -16.60 -0.87
C VAL A 120 2.33 -15.66 0.18
N MET A 121 1.46 -14.85 0.78
CA MET A 121 1.86 -13.80 1.72
C MET A 121 1.51 -14.18 3.16
N GLU A 122 2.14 -13.52 4.12
CA GLU A 122 1.71 -13.65 5.51
C GLU A 122 0.23 -13.25 5.59
N TYR A 123 -0.56 -14.00 6.35
CA TYR A 123 -1.96 -13.65 6.60
C TYR A 123 -2.06 -12.61 7.72
N VAL A 124 -2.71 -11.49 7.44
CA VAL A 124 -2.84 -10.42 8.42
C VAL A 124 -4.30 -10.36 8.85
N PRO A 125 -4.61 -10.92 10.02
CA PRO A 125 -6.00 -11.26 10.35
C PRO A 125 -6.88 -10.10 10.76
N GLY A 126 -6.30 -8.92 11.01
CA GLY A 126 -7.07 -7.80 11.55
C GLY A 126 -7.97 -7.07 10.57
N GLY A 127 -7.86 -7.42 9.29
CA GLY A 127 -8.67 -6.81 8.25
C GLY A 127 -8.06 -5.55 7.65
N GLU A 128 -8.73 -4.99 6.65
CA GLU A 128 -8.29 -3.74 6.03
C GLU A 128 -8.61 -2.53 6.92
N MET A 129 -7.67 -1.59 7.00
CA MET A 129 -7.96 -0.28 7.61
C MET A 129 -9.25 0.30 7.06
N PHE A 130 -9.45 0.15 5.75
CA PHE A 130 -10.66 0.62 5.08
C PHE A 130 -11.94 0.22 5.83
N SER A 131 -12.01 -1.03 6.25
CA SER A 131 -13.21 -1.56 6.90
C SER A 131 -13.45 -0.86 8.22
N HIS A 132 -12.38 -0.71 8.99
CA HIS A 132 -12.45 -0.11 10.32
C HIS A 132 -12.78 1.38 10.23
N LEU A 133 -12.16 2.04 9.27
CA LEU A 133 -12.31 3.46 9.07
C LEU A 133 -13.75 3.79 8.67
N ARG A 134 -14.30 3.06 7.69
CA ARG A 134 -15.66 3.34 7.27
C ARG A 134 -16.64 3.07 8.41
N ARG A 135 -16.41 2.00 9.17
CA ARG A 135 -17.34 1.66 10.24
C ARG A 135 -17.33 2.69 11.37
N ILE A 136 -16.16 3.14 11.79
CA ILE A 136 -16.09 4.05 12.94
C ILE A 136 -16.30 5.49 12.47
N GLY A 137 -16.13 5.73 11.18
CA GLY A 137 -16.36 7.06 10.62
C GLY A 137 -15.06 7.77 10.35
N ARG A 138 -14.37 8.14 11.42
CA ARG A 138 -13.05 8.75 11.31
C ARG A 138 -12.19 8.38 12.50
N PHE A 139 -10.87 8.49 12.34
CA PHE A 139 -9.92 8.27 13.43
C PHE A 139 -9.62 9.59 14.13
N SER A 140 -9.30 9.54 15.42
CA SER A 140 -8.78 10.73 16.11
C SER A 140 -7.42 11.09 15.54
N GLU A 141 -6.94 12.30 15.80
CA GLU A 141 -5.65 12.66 15.24
C GLU A 141 -4.53 11.81 15.84
N PRO A 142 -4.59 11.51 17.15
CA PRO A 142 -3.52 10.63 17.65
C PRO A 142 -3.53 9.26 16.99
N HIS A 143 -4.71 8.71 16.75
CA HIS A 143 -4.78 7.42 16.08
C HIS A 143 -4.31 7.53 14.63
N ALA A 144 -4.72 8.60 13.93
CA ALA A 144 -4.28 8.80 12.54
C ALA A 144 -2.77 8.98 12.46
N ARG A 145 -2.21 9.67 13.45
CA ARG A 145 -0.77 9.93 13.53
C ARG A 145 0.01 8.63 13.67
N PHE A 146 -0.49 7.75 14.54
CA PHE A 146 0.12 6.43 14.74
C PHE A 146 0.25 5.65 13.43
N TYR A 147 -0.83 5.57 12.66
CA TYR A 147 -0.80 4.91 11.35
C TYR A 147 0.07 5.65 10.35
N ALA A 148 -0.10 6.97 10.29
CA ALA A 148 0.65 7.79 9.35
C ALA A 148 2.16 7.64 9.55
N ALA A 149 2.59 7.61 10.81
CA ALA A 149 4.02 7.48 11.10
C ALA A 149 4.60 6.21 10.48
N GLN A 150 3.82 5.13 10.52
CA GLN A 150 4.28 3.87 9.93
C GLN A 150 4.44 3.99 8.42
N ILE A 151 3.55 4.73 7.75
CA ILE A 151 3.65 4.89 6.31
C ILE A 151 4.85 5.80 5.98
N VAL A 152 5.09 6.81 6.81
CA VAL A 152 6.27 7.66 6.60
C VAL A 152 7.55 6.82 6.61
N LEU A 153 7.70 5.95 7.61
CA LEU A 153 8.90 5.12 7.69
C LEU A 153 8.96 4.12 6.51
N THR A 154 7.81 3.58 6.13
CA THR A 154 7.75 2.62 5.03
C THR A 154 8.19 3.27 3.72
N PHE A 155 7.75 4.50 3.49
CA PHE A 155 8.14 5.21 2.26
C PHE A 155 9.62 5.62 2.32
N GLU A 156 10.10 6.02 3.49
CA GLU A 156 11.54 6.29 3.64
C GLU A 156 12.34 5.06 3.24
N TYR A 157 11.92 3.91 3.75
CA TYR A 157 12.51 2.63 3.34
C TYR A 157 12.39 2.36 1.83
N LEU A 158 11.16 2.32 1.32
CA LEU A 158 10.95 1.99 -0.10
C LEU A 158 11.71 2.96 -1.02
N HIS A 159 11.60 4.26 -0.74
CA HIS A 159 12.21 5.25 -1.64
C HIS A 159 13.74 5.16 -1.64
N SER A 160 14.32 4.76 -0.51
CA SER A 160 15.77 4.63 -0.43
C SER A 160 16.30 3.54 -1.36
N LEU A 161 15.40 2.62 -1.72
CA LEU A 161 15.73 1.48 -2.59
C LEU A 161 15.36 1.79 -4.04
N ASP A 162 14.98 3.05 -4.27
CA ASP A 162 14.58 3.54 -5.59
C ASP A 162 13.23 2.96 -6.01
N LEU A 163 12.41 2.61 -5.03
CA LEU A 163 11.08 2.09 -5.29
C LEU A 163 10.03 3.18 -5.12
N ILE A 164 9.05 3.19 -6.02
CA ILE A 164 7.85 4.02 -5.85
C ILE A 164 6.69 3.05 -5.64
N TYR A 165 5.77 3.37 -4.75
CA TYR A 165 4.74 2.40 -4.37
C TYR A 165 3.47 2.58 -5.20
N ARG A 166 2.99 3.81 -5.27
CA ARG A 166 1.95 4.22 -6.22
C ARG A 166 0.53 3.67 -6.00
N ASP A 167 0.23 3.04 -4.87
CA ASP A 167 -1.19 2.73 -4.65
C ASP A 167 -1.61 2.82 -3.20
N LEU A 168 -1.15 3.86 -2.51
CA LEU A 168 -1.52 4.03 -1.10
C LEU A 168 -3.01 4.32 -0.95
N LYS A 169 -3.67 3.57 -0.08
CA LYS A 169 -5.09 3.80 0.25
C LYS A 169 -5.46 2.87 1.40
N PRO A 170 -6.52 3.21 2.17
CA PRO A 170 -6.89 2.37 3.30
C PRO A 170 -7.18 0.92 2.91
N GLU A 171 -7.65 0.70 1.69
CA GLU A 171 -7.93 -0.65 1.20
C GLU A 171 -6.67 -1.52 1.19
N ASN A 172 -5.50 -0.90 1.03
CA ASN A 172 -4.23 -1.67 0.93
C ASN A 172 -3.40 -1.71 2.22
N LEU A 173 -4.02 -1.33 3.32
CA LEU A 173 -3.33 -1.31 4.61
C LEU A 173 -4.01 -2.26 5.57
N LEU A 174 -3.36 -3.36 5.91
CA LEU A 174 -3.93 -4.36 6.80
C LEU A 174 -3.48 -4.12 8.24
N ILE A 175 -4.35 -4.43 9.20
CA ILE A 175 -4.02 -4.26 10.61
C ILE A 175 -3.65 -5.61 11.21
N ASP A 176 -2.45 -5.73 11.78
CA ASP A 176 -2.02 -7.02 12.31
C ASP A 176 -2.47 -7.22 13.75
N GLN A 177 -2.08 -8.35 14.33
CA GLN A 177 -2.56 -8.66 15.67
C GLN A 177 -1.96 -7.75 16.75
N GLN A 178 -0.94 -6.97 16.40
CA GLN A 178 -0.40 -6.02 17.36
C GLN A 178 -1.02 -4.64 17.16
N GLY A 179 -1.93 -4.53 16.19
CA GLY A 179 -2.59 -3.27 15.92
C GLY A 179 -1.75 -2.38 15.01
N TYR A 180 -0.68 -2.93 14.46
CA TYR A 180 0.15 -2.17 13.52
C TYR A 180 -0.25 -2.44 12.08
N ILE A 181 0.22 -1.58 11.19
CA ILE A 181 -0.11 -1.65 9.75
C ILE A 181 0.85 -2.53 8.98
N GLN A 182 0.34 -3.24 7.99
CA GLN A 182 1.19 -3.89 6.99
C GLN A 182 0.65 -3.57 5.59
N VAL A 183 1.51 -3.01 4.74
CA VAL A 183 1.13 -2.58 3.39
C VAL A 183 1.04 -3.77 2.45
N THR A 184 -0.09 -3.89 1.76
CA THR A 184 -0.25 -4.97 0.79
C THR A 184 -0.50 -4.38 -0.61
N ASP A 185 -0.35 -5.24 -1.62
CA ASP A 185 -0.56 -4.93 -3.04
C ASP A 185 0.50 -4.03 -3.65
N PHE A 186 1.52 -4.67 -4.22
CA PHE A 186 2.60 -3.97 -4.89
C PHE A 186 2.41 -4.00 -6.41
N GLY A 187 1.16 -4.11 -6.85
CA GLY A 187 0.91 -4.28 -8.27
C GLY A 187 1.41 -3.11 -9.10
N PHE A 188 1.56 -1.93 -8.50
CA PHE A 188 2.09 -0.79 -9.27
C PHE A 188 3.47 -0.33 -8.77
N ALA A 189 4.07 -1.08 -7.85
CA ALA A 189 5.37 -0.71 -7.34
C ALA A 189 6.40 -0.85 -8.45
N LYS A 190 7.36 0.06 -8.51
CA LYS A 190 8.32 0.07 -9.62
C LYS A 190 9.67 0.55 -9.12
N ARG A 191 10.76 -0.09 -9.58
CA ARG A 191 12.09 0.43 -9.27
C ARG A 191 12.57 1.32 -10.41
N VAL A 192 12.72 2.61 -10.12
CA VAL A 192 13.04 3.59 -11.14
C VAL A 192 13.92 4.67 -10.54
N LYS A 193 15.03 4.98 -11.20
CA LYS A 193 15.80 6.17 -10.89
C LYS A 193 15.43 7.24 -11.91
N GLY A 194 14.97 8.37 -11.43
CA GLY A 194 14.44 9.38 -12.34
C GLY A 194 12.94 9.28 -12.57
N ARG A 195 12.51 9.59 -13.80
CA ARG A 195 11.10 9.83 -14.12
C ARG A 195 10.34 8.62 -14.63
N THR A 196 9.05 8.54 -14.33
CA THR A 196 8.20 7.56 -15.01
C THR A 196 6.87 8.20 -15.37
N TRP A 197 6.06 7.51 -16.18
CA TRP A 197 4.94 8.19 -16.83
C TRP A 197 3.62 7.41 -16.80
N TPO A 198 3.64 6.18 -16.29
CA TPO A 198 2.44 5.34 -16.34
CB TPO A 198 2.70 3.94 -15.79
CG2 TPO A 198 1.40 3.14 -15.86
OG1 TPO A 198 3.69 3.30 -16.60
P TPO A 198 4.98 2.95 -15.71
O1P TPO A 198 6.08 2.56 -16.64
O2P TPO A 198 5.45 4.23 -14.85
O3P TPO A 198 4.65 1.73 -14.71
C TPO A 198 1.25 5.96 -15.61
O TPO A 198 1.39 6.39 -14.46
N LEU A 199 0.11 6.00 -16.27
CA LEU A 199 -1.10 6.45 -15.59
C LEU A 199 -1.63 5.29 -14.77
N CYS A 200 -1.42 5.32 -13.46
CA CYS A 200 -1.91 4.26 -12.57
C CYS A 200 -2.08 4.77 -11.16
N GLY A 201 -2.82 3.99 -10.36
CA GLY A 201 -3.17 4.36 -9.00
C GLY A 201 -4.68 4.29 -8.84
N THR A 202 -5.19 4.93 -7.78
CA THR A 202 -6.62 5.03 -7.51
C THR A 202 -7.03 6.50 -7.57
N PRO A 203 -8.15 6.80 -8.24
CA PRO A 203 -8.50 8.20 -8.56
C PRO A 203 -8.36 9.18 -7.38
N GLU A 204 -8.96 8.86 -6.24
CA GLU A 204 -8.92 9.75 -5.07
C GLU A 204 -7.49 10.08 -4.67
N TYR A 205 -6.54 9.17 -4.95
CA TYR A 205 -5.18 9.32 -4.42
C TYR A 205 -4.14 9.81 -5.44
N LEU A 206 -4.56 10.01 -6.69
CA LEU A 206 -3.62 10.47 -7.72
C LEU A 206 -3.11 11.89 -7.53
N ALA A 207 -1.79 12.08 -7.59
CA ALA A 207 -1.21 13.42 -7.63
C ALA A 207 -1.51 14.10 -8.96
N PRO A 208 -1.56 15.44 -8.94
CA PRO A 208 -1.84 16.28 -10.10
C PRO A 208 -0.97 15.92 -11.30
N GLU A 209 0.32 15.70 -11.05
CA GLU A 209 1.25 15.44 -12.14
C GLU A 209 0.93 14.13 -12.87
N ILE A 210 0.32 13.17 -12.17
CA ILE A 210 -0.09 11.93 -12.82
C ILE A 210 -1.27 12.20 -13.73
N ILE A 211 -2.28 12.89 -13.19
CA ILE A 211 -3.47 13.24 -13.96
C ILE A 211 -3.13 14.02 -15.22
N LEU A 212 -2.15 14.91 -15.13
CA LEU A 212 -1.85 15.79 -16.26
C LEU A 212 -0.79 15.21 -17.22
N SER A 213 -0.42 13.94 -17.01
CA SER A 213 0.55 13.25 -17.87
C SER A 213 1.91 13.93 -17.93
N LYS A 214 2.43 14.31 -16.77
CA LYS A 214 3.61 15.18 -16.69
C LYS A 214 4.94 14.45 -16.57
N GLY A 215 4.93 13.18 -16.20
CA GLY A 215 6.17 12.50 -15.84
C GLY A 215 6.45 12.81 -14.37
N TYR A 216 6.72 11.78 -13.57
CA TYR A 216 6.72 11.99 -12.13
C TYR A 216 7.68 11.05 -11.38
N ASN A 217 7.78 11.26 -10.08
CA ASN A 217 8.67 10.43 -9.28
C ASN A 217 8.06 10.12 -7.93
N LYS A 218 8.91 9.88 -6.95
CA LYS A 218 8.44 9.40 -5.64
C LYS A 218 7.58 10.44 -4.93
N ALA A 219 7.61 11.69 -5.41
CA ALA A 219 6.77 12.71 -4.77
C ALA A 219 5.28 12.37 -4.84
N VAL A 220 4.89 11.48 -5.76
CA VAL A 220 3.47 11.13 -5.85
C VAL A 220 3.06 10.30 -4.62
N ASP A 221 3.98 9.53 -4.04
CA ASP A 221 3.68 8.78 -2.83
C ASP A 221 3.42 9.73 -1.65
N TRP A 222 4.17 10.82 -1.58
CA TRP A 222 4.00 11.79 -0.49
C TRP A 222 2.69 12.57 -0.65
N TRP A 223 2.32 12.93 -1.88
CA TRP A 223 0.96 13.46 -2.09
C TRP A 223 -0.08 12.46 -1.58
N ALA A 224 0.06 11.19 -1.95
CA ALA A 224 -0.90 10.16 -1.53
C ALA A 224 -0.99 10.05 0.00
N LEU A 225 0.14 10.20 0.68
CA LEU A 225 0.14 10.21 2.15
C LEU A 225 -0.73 11.36 2.67
N GLY A 226 -0.63 12.51 2.01
CA GLY A 226 -1.51 13.62 2.33
C GLY A 226 -2.98 13.23 2.24
N VAL A 227 -3.34 12.53 1.17
CA VAL A 227 -4.74 12.12 0.98
C VAL A 227 -5.14 11.13 2.09
N LEU A 228 -4.23 10.22 2.41
CA LEU A 228 -4.52 9.19 3.40
C LEU A 228 -4.75 9.80 4.77
N ILE A 229 -3.84 10.68 5.20
CA ILE A 229 -3.99 11.29 6.51
C ILE A 229 -5.29 12.05 6.58
N TYR A 230 -5.58 12.84 5.54
CA TYR A 230 -6.84 13.56 5.47
C TYR A 230 -8.03 12.60 5.63
N GLU A 231 -8.04 11.52 4.85
CA GLU A 231 -9.19 10.61 4.90
C GLU A 231 -9.29 9.94 6.27
N MET A 232 -8.16 9.57 6.87
CA MET A 232 -8.20 8.96 8.21
C MET A 232 -8.80 9.91 9.24
N ALA A 233 -8.38 11.17 9.20
CA ALA A 233 -8.83 12.14 10.20
C ALA A 233 -10.22 12.73 9.93
N ALA A 234 -10.62 12.82 8.65
CA ALA A 234 -11.91 13.42 8.32
C ALA A 234 -13.03 12.40 8.18
N GLY A 235 -12.69 11.19 7.74
CA GLY A 235 -13.69 10.16 7.48
C GLY A 235 -14.09 10.10 6.02
N TYR A 236 -13.60 11.09 5.24
CA TYR A 236 -13.80 11.17 3.80
C TYR A 236 -12.56 11.76 3.13
N PRO A 237 -12.38 11.51 1.81
CA PRO A 237 -11.19 12.02 1.09
C PRO A 237 -11.26 13.52 0.87
N PRO A 238 -10.11 14.18 0.67
CA PRO A 238 -10.09 15.61 0.37
C PRO A 238 -10.74 15.91 -0.99
N PHE A 239 -10.67 14.97 -1.92
CA PHE A 239 -11.28 15.16 -3.23
C PHE A 239 -12.17 13.96 -3.53
N PHE A 240 -13.48 14.15 -3.47
CA PHE A 240 -14.38 13.07 -3.83
C PHE A 240 -15.56 13.58 -4.68
N ALA A 241 -16.09 12.67 -5.48
CA ALA A 241 -17.23 12.96 -6.34
C ALA A 241 -17.86 11.62 -6.72
N ASP A 242 -18.84 11.63 -7.61
CA ASP A 242 -19.45 10.37 -8.05
C ASP A 242 -18.68 9.73 -9.20
N GLN A 243 -17.99 10.54 -9.99
CA GLN A 243 -17.25 10.05 -11.15
C GLN A 243 -15.79 10.49 -11.09
N PRO A 244 -14.86 9.62 -11.51
CA PRO A 244 -13.43 9.95 -11.48
C PRO A 244 -13.08 11.29 -12.14
N ILE A 245 -13.70 11.62 -13.28
CA ILE A 245 -13.37 12.85 -13.99
C ILE A 245 -13.58 14.07 -13.10
N GLN A 246 -14.68 14.07 -12.36
CA GLN A 246 -14.96 15.15 -11.42
C GLN A 246 -13.96 15.20 -10.26
N ILE A 247 -13.46 14.04 -9.86
CA ILE A 247 -12.42 13.95 -8.84
C ILE A 247 -11.11 14.60 -9.35
N TYR A 248 -10.71 14.26 -10.57
CA TYR A 248 -9.51 14.84 -11.20
C TYR A 248 -9.57 16.37 -11.33
N GLU A 249 -10.75 16.90 -11.64
CA GLU A 249 -10.91 18.34 -11.74
C GLU A 249 -10.65 18.99 -10.39
N LYS A 250 -11.10 18.33 -9.32
CA LYS A 250 -10.87 18.87 -7.98
C LYS A 250 -9.39 18.79 -7.62
N ILE A 251 -8.75 17.67 -7.94
CA ILE A 251 -7.35 17.48 -7.60
C ILE A 251 -6.43 18.51 -8.28
N VAL A 252 -6.67 18.82 -9.55
CA VAL A 252 -5.80 19.74 -10.26
C VAL A 252 -6.11 21.22 -9.96
N SER A 253 -7.27 21.50 -9.38
CA SER A 253 -7.72 22.88 -9.17
C SER A 253 -6.81 23.67 -8.23
N GLY A 254 -6.13 22.96 -7.33
CA GLY A 254 -5.26 23.61 -6.36
C GLY A 254 -5.99 24.05 -5.10
N LYS A 255 -7.25 23.66 -4.98
CA LYS A 255 -8.05 24.00 -3.81
C LYS A 255 -8.29 22.77 -2.93
N VAL A 256 -8.23 22.96 -1.62
CA VAL A 256 -8.57 21.94 -0.62
C VAL A 256 -9.25 22.57 0.60
N ARG A 257 -10.31 21.96 1.10
CA ARG A 257 -11.00 22.43 2.32
C ARG A 257 -10.82 21.44 3.47
N PHE A 258 -10.57 21.94 4.68
CA PHE A 258 -10.41 21.07 5.85
C PHE A 258 -11.57 21.15 6.79
N PRO A 259 -11.95 20.02 7.40
CA PRO A 259 -12.96 19.99 8.47
C PRO A 259 -12.59 20.97 9.57
N SER A 260 -13.57 21.61 10.20
CA SER A 260 -13.26 22.59 11.24
C SER A 260 -12.62 21.94 12.48
N HIS A 261 -12.73 20.62 12.63
CA HIS A 261 -12.10 19.98 13.79
C HIS A 261 -10.62 19.65 13.59
N PHE A 262 -10.12 19.80 12.37
CA PHE A 262 -8.68 19.60 12.12
C PHE A 262 -7.85 20.60 12.91
N SER A 263 -6.82 20.14 13.60
CA SER A 263 -5.93 21.05 14.31
C SER A 263 -5.16 21.89 13.30
N SER A 264 -4.65 23.04 13.74
CA SER A 264 -3.88 23.91 12.84
C SER A 264 -2.60 23.21 12.38
N ASP A 265 -1.96 22.44 13.24
CA ASP A 265 -0.77 21.66 12.87
C ASP A 265 -1.08 20.62 11.78
N LEU A 266 -2.21 19.93 11.92
CA LEU A 266 -2.58 18.92 10.91
C LEU A 266 -2.82 19.61 9.58
N LYS A 267 -3.53 20.74 9.61
CA LYS A 267 -3.83 21.47 8.38
C LYS A 267 -2.55 21.97 7.73
N ASP A 268 -1.59 22.42 8.53
CA ASP A 268 -0.34 22.89 7.96
C ASP A 268 0.41 21.74 7.28
N LEU A 269 0.52 20.59 7.95
CA LEU A 269 1.18 19.44 7.34
C LEU A 269 0.52 19.05 6.02
N LEU A 270 -0.81 19.00 6.02
CA LEU A 270 -1.56 18.58 4.83
C LEU A 270 -1.43 19.59 3.69
N ARG A 271 -1.37 20.88 4.01
CA ARG A 271 -1.17 21.87 2.96
C ARG A 271 0.20 21.69 2.28
N ASN A 272 1.15 21.15 3.02
CA ASN A 272 2.49 20.92 2.48
C ASN A 272 2.62 19.56 1.75
N LEU A 273 1.74 18.63 2.07
CA LEU A 273 1.75 17.34 1.37
C LEU A 273 0.87 17.42 0.11
N LEU A 274 -0.30 18.06 0.26
CA LEU A 274 -1.23 18.22 -0.85
C LEU A 274 -0.86 19.47 -1.63
N GLN A 275 0.43 19.58 -1.93
CA GLN A 275 0.98 20.72 -2.63
C GLN A 275 1.13 20.41 -4.11
N VAL A 276 0.40 21.14 -4.95
CA VAL A 276 0.46 20.91 -6.39
C VAL A 276 1.84 21.27 -6.95
N ASP A 277 2.47 22.28 -6.35
CA ASP A 277 3.80 22.73 -6.74
C ASP A 277 4.89 21.77 -6.19
N LEU A 278 5.48 20.97 -7.07
CA LEU A 278 6.50 20.00 -6.70
C LEU A 278 7.70 20.60 -5.97
N THR A 279 8.04 21.84 -6.28
CA THR A 279 9.19 22.48 -5.65
C THR A 279 8.85 22.91 -4.24
N LYS A 280 7.61 22.66 -3.83
CA LYS A 280 7.16 23.05 -2.51
C LYS A 280 6.60 21.88 -1.71
N ARG A 281 6.44 20.72 -2.35
CA ARG A 281 5.79 19.60 -1.68
C ARG A 281 6.72 18.90 -0.70
N PHE A 282 6.26 18.77 0.55
CA PHE A 282 7.01 18.07 1.57
C PHE A 282 7.35 16.65 1.13
N GLY A 283 8.57 16.22 1.44
CA GLY A 283 9.03 14.91 1.03
C GLY A 283 9.83 15.02 -0.24
N ASN A 284 9.71 16.16 -0.92
CA ASN A 284 10.40 16.39 -2.19
C ASN A 284 11.40 17.54 -2.15
N LEU A 285 11.65 18.09 -0.97
CA LEU A 285 12.57 19.23 -0.82
C LEU A 285 13.97 18.75 -0.43
N LYS A 286 14.89 19.68 -0.24
CA LYS A 286 16.29 19.34 0.09
C LYS A 286 16.36 18.44 1.32
N ASN A 287 15.50 18.72 2.30
CA ASN A 287 15.49 17.97 3.55
C ASN A 287 14.81 16.59 3.43
N GLY A 288 14.23 16.32 2.27
CA GLY A 288 13.59 15.03 2.03
C GLY A 288 12.54 14.69 3.08
N VAL A 289 12.51 13.44 3.50
CA VAL A 289 11.49 12.99 4.45
C VAL A 289 11.59 13.71 5.80
N ASN A 290 12.73 14.33 6.08
CA ASN A 290 12.89 14.95 7.39
C ASN A 290 12.00 16.17 7.61
N ASP A 291 11.60 16.85 6.53
CA ASP A 291 10.58 17.89 6.63
C ASP A 291 9.28 17.32 7.21
N ILE A 292 8.98 16.06 6.87
CA ILE A 292 7.79 15.43 7.41
C ILE A 292 8.03 14.96 8.85
N LYS A 293 9.11 14.20 9.06
CA LYS A 293 9.39 13.65 10.37
C LYS A 293 9.49 14.73 11.45
N ASN A 294 9.92 15.92 11.07
CA ASN A 294 10.14 16.98 12.05
C ASN A 294 9.02 18.01 12.11
N HIS A 295 7.94 17.77 11.38
CA HIS A 295 6.80 18.69 11.42
C HIS A 295 6.13 18.63 12.79
N LYS A 296 5.64 19.77 13.27
CA LYS A 296 5.06 19.86 14.61
C LYS A 296 4.00 18.78 14.89
N TRP A 297 3.18 18.43 13.88
CA TRP A 297 2.16 17.40 14.07
C TRP A 297 2.75 16.08 14.53
N PHE A 298 4.01 15.83 14.20
CA PHE A 298 4.69 14.61 14.59
C PHE A 298 5.63 14.77 15.80
N ALA A 299 5.50 15.88 16.53
CA ALA A 299 6.42 16.18 17.63
C ALA A 299 6.42 15.11 18.74
N THR A 300 5.29 14.44 18.93
CA THR A 300 5.18 13.42 19.98
C THR A 300 5.57 12.03 19.49
N THR A 301 5.77 11.92 18.18
CA THR A 301 6.09 10.63 17.59
C THR A 301 7.55 10.26 17.81
N ASP A 302 7.76 9.10 18.44
CA ASP A 302 9.08 8.51 18.62
C ASP A 302 9.30 7.51 17.50
N TRP A 303 10.05 7.93 16.48
CA TRP A 303 10.16 7.15 15.24
C TRP A 303 10.77 5.78 15.48
N ILE A 304 11.77 5.71 16.36
CA ILE A 304 12.39 4.43 16.68
C ILE A 304 11.40 3.49 17.35
N ALA A 305 10.69 4.01 18.35
CA ALA A 305 9.70 3.23 19.08
C ALA A 305 8.60 2.72 18.14
N ILE A 306 8.23 3.53 17.15
CA ILE A 306 7.24 3.09 16.18
C ILE A 306 7.74 1.89 15.39
N TYR A 307 8.95 2.01 14.85
CA TYR A 307 9.60 0.96 14.09
C TYR A 307 9.70 -0.35 14.89
N GLN A 308 10.02 -0.22 16.18
CA GLN A 308 10.17 -1.37 17.07
C GLN A 308 8.82 -1.88 17.60
N ARG A 309 7.73 -1.27 17.16
CA ARG A 309 6.38 -1.66 17.58
C ARG A 309 6.22 -1.59 19.09
N LYS A 310 6.92 -0.66 19.73
CA LYS A 310 6.87 -0.50 21.18
C LYS A 310 5.79 0.46 21.64
N VAL A 311 5.22 1.20 20.70
CA VAL A 311 4.18 2.17 21.05
C VAL A 311 2.82 1.48 21.13
N GLU A 312 2.02 1.88 22.10
CA GLU A 312 0.71 1.26 22.29
C GLU A 312 -0.21 1.58 21.10
N ALA A 313 -0.78 0.54 20.49
CA ALA A 313 -1.67 0.75 19.35
C ALA A 313 -3.04 1.29 19.76
N PRO A 314 -3.70 2.01 18.85
CA PRO A 314 -5.06 2.52 19.07
C PRO A 314 -6.04 1.41 19.38
N PHE A 315 -5.94 0.28 18.70
CA PHE A 315 -6.77 -0.87 19.04
C PHE A 315 -6.16 -2.16 18.50
N ILE A 316 -6.53 -3.26 19.13
CA ILE A 316 -6.15 -4.61 18.73
C ILE A 316 -7.36 -5.31 18.11
N PRO A 317 -7.24 -5.74 16.84
CA PRO A 317 -8.37 -6.39 16.17
C PRO A 317 -8.89 -7.59 16.96
N LYS A 318 -10.19 -7.87 16.84
CA LYS A 318 -10.77 -9.04 17.47
C LYS A 318 -10.19 -10.29 16.83
N PHE A 319 -9.96 -11.32 17.63
CA PHE A 319 -9.33 -12.55 17.16
C PHE A 319 -10.02 -13.79 17.74
N LYS A 320 -10.73 -14.53 16.90
CA LYS A 320 -11.35 -15.79 17.33
C LYS A 320 -10.57 -16.99 16.80
N GLY A 321 -9.40 -17.24 17.37
CA GLY A 321 -8.58 -18.35 16.95
C GLY A 321 -7.98 -18.20 15.57
N PRO A 322 -7.06 -19.11 15.21
CA PRO A 322 -6.44 -19.07 13.88
C PRO A 322 -7.45 -19.41 12.77
N GLY A 323 -7.24 -18.82 11.60
CA GLY A 323 -8.09 -19.08 10.45
C GLY A 323 -9.38 -18.28 10.42
N ASP A 324 -9.65 -17.53 11.49
CA ASP A 324 -10.84 -16.69 11.55
C ASP A 324 -10.72 -15.53 10.55
N THR A 325 -11.79 -15.25 9.81
CA THR A 325 -11.78 -14.16 8.83
C THR A 325 -12.83 -13.11 9.12
N SER A 326 -13.28 -13.03 10.37
N SER A 326 -13.29 -13.04 10.36
CA SER A 326 -14.41 -12.18 10.73
CA SER A 326 -14.39 -12.17 10.76
C SER A 326 -14.11 -10.69 10.55
C SER A 326 -14.11 -10.71 10.48
N ASN A 327 -12.83 -10.36 10.37
CA ASN A 327 -12.45 -8.99 10.09
C ASN A 327 -12.45 -8.66 8.59
N PHE A 328 -12.80 -9.64 7.75
CA PHE A 328 -12.88 -9.41 6.30
C PHE A 328 -14.30 -9.61 5.79
N ASP A 329 -14.65 -8.86 4.74
CA ASP A 329 -15.92 -9.04 4.06
C ASP A 329 -15.99 -10.42 3.43
N ASP A 330 -17.19 -10.86 3.09
CA ASP A 330 -17.40 -12.10 2.34
C ASP A 330 -17.38 -11.83 0.84
N TYR A 331 -16.79 -12.73 0.07
CA TYR A 331 -16.75 -12.61 -1.38
C TYR A 331 -17.29 -13.87 -2.03
N GLU A 332 -17.86 -13.71 -3.22
CA GLU A 332 -18.29 -14.87 -4.00
C GLU A 332 -17.11 -15.79 -4.26
N GLU A 333 -17.28 -17.08 -3.97
CA GLU A 333 -16.18 -18.03 -4.13
C GLU A 333 -16.19 -18.59 -5.56
N GLU A 334 -15.01 -18.91 -6.06
CA GLU A 334 -14.87 -19.41 -7.41
C GLU A 334 -13.74 -20.43 -7.45
N GLU A 335 -13.98 -21.56 -8.11
CA GLU A 335 -13.01 -22.65 -8.12
C GLU A 335 -11.80 -22.32 -8.98
N ILE A 336 -10.61 -22.63 -8.46
CA ILE A 336 -9.36 -22.48 -9.19
C ILE A 336 -9.25 -23.56 -10.25
N ARG A 337 -9.27 -23.17 -11.51
CA ARG A 337 -9.09 -24.15 -12.56
C ARG A 337 -7.70 -24.02 -13.15
N VAL A 338 -7.04 -25.15 -13.37
CA VAL A 338 -5.73 -25.16 -13.99
C VAL A 338 -5.82 -25.87 -15.33
N SEP A 339 -5.65 -25.12 -16.41
CA SEP A 339 -5.69 -25.67 -17.76
CB SEP A 339 -5.45 -24.54 -18.76
OG SEP A 339 -5.30 -25.03 -20.08
C SEP A 339 -4.65 -26.78 -17.97
O SEP A 339 -3.63 -26.84 -17.28
P SEP A 339 -6.72 -25.21 -20.83
O1P SEP A 339 -6.35 -25.17 -22.39
O2P SEP A 339 -7.76 -24.06 -20.46
O3P SEP A 339 -7.30 -26.65 -20.40
N ILE A 340 -4.89 -27.67 -18.95
CA ILE A 340 -3.93 -28.71 -19.25
C ILE A 340 -2.84 -28.19 -20.19
N ASN A 341 -3.03 -26.98 -20.69
CA ASN A 341 -2.04 -26.32 -21.55
C ASN A 341 -1.43 -25.10 -20.89
N GLU A 342 -0.12 -24.92 -21.05
CA GLU A 342 0.57 -23.77 -20.46
C GLU A 342 0.16 -22.48 -21.16
N LYS A 343 -0.29 -21.49 -20.39
CA LYS A 343 -0.66 -20.20 -20.97
C LYS A 343 0.44 -19.17 -20.73
N CYS A 344 0.72 -18.36 -21.75
CA CYS A 344 1.58 -17.19 -21.58
C CYS A 344 2.94 -17.53 -20.94
N GLY A 345 3.52 -18.65 -21.35
CA GLY A 345 4.77 -19.09 -20.77
C GLY A 345 5.89 -18.09 -20.91
N LYS A 346 6.11 -17.61 -22.13
CA LYS A 346 7.19 -16.67 -22.41
C LYS A 346 7.05 -15.38 -21.62
N GLU A 347 5.84 -14.83 -21.59
CA GLU A 347 5.58 -13.57 -20.92
C GLU A 347 5.99 -13.58 -19.45
N PHE A 348 5.73 -14.68 -18.76
CA PHE A 348 5.95 -14.76 -17.32
C PHE A 348 7.11 -15.71 -16.94
N SER A 349 8.02 -15.96 -17.89
N SER A 349 8.01 -15.94 -17.91
CA SER A 349 9.10 -16.90 -17.63
CA SER A 349 9.15 -16.84 -17.71
C SER A 349 9.95 -16.54 -16.40
C SER A 349 9.95 -16.53 -16.44
N GLU A 350 10.16 -15.26 -16.14
CA GLU A 350 11.01 -14.90 -15.00
C GLU A 350 10.30 -14.99 -13.65
N PHE A 351 8.97 -15.12 -13.66
CA PHE A 351 8.18 -15.17 -12.44
C PHE A 351 8.53 -16.43 -11.65
N THR B 1 -23.93 18.44 5.31
CA THR B 1 -22.56 18.33 5.77
C THR B 1 -21.72 17.58 4.74
N THR B 2 -20.42 17.83 4.76
CA THR B 2 -19.54 17.16 3.82
C THR B 2 -19.57 15.65 4.06
N TYR B 3 -19.59 15.25 5.33
CA TYR B 3 -19.73 13.83 5.66
C TYR B 3 -21.01 13.24 5.05
N ALA B 4 -22.15 13.91 5.21
CA ALA B 4 -23.40 13.39 4.65
C ALA B 4 -23.29 13.25 3.13
N ASP B 5 -22.66 14.23 2.48
CA ASP B 5 -22.49 14.17 1.03
C ASP B 5 -21.62 12.98 0.64
N PHE B 6 -20.57 12.73 1.40
CA PHE B 6 -19.74 11.57 1.12
C PHE B 6 -20.54 10.27 1.25
N ILE B 7 -21.24 10.11 2.38
CA ILE B 7 -21.96 8.86 2.67
C ILE B 7 -23.03 8.55 1.62
N ALA B 8 -23.58 9.61 1.02
CA ALA B 8 -24.62 9.48 0.01
C ALA B 8 -24.02 9.31 -1.40
N SER B 9 -22.70 9.40 -1.51
CA SER B 9 -22.05 9.29 -2.82
C SER B 9 -21.88 7.84 -3.26
N GLY B 10 -21.47 7.63 -4.51
CA GLY B 10 -21.27 6.28 -5.01
C GLY B 10 -19.88 5.72 -4.75
N ARG B 11 -19.05 6.42 -3.99
CA ARG B 11 -17.68 5.95 -3.81
C ARG B 11 -17.27 5.82 -2.35
N THR B 12 -18.14 5.19 -1.54
CA THR B 12 -17.80 4.89 -0.16
C THR B 12 -17.37 3.44 0.02
N GLY B 13 -17.51 2.63 -1.02
CA GLY B 13 -17.06 1.23 -1.00
C GLY B 13 -15.60 1.13 -1.41
N ARG B 14 -15.07 -0.10 -1.53
CA ARG B 14 -13.67 -0.26 -1.95
C ARG B 14 -13.46 0.32 -3.34
N ARG B 15 -12.36 1.05 -3.50
CA ARG B 15 -12.08 1.74 -4.75
C ARG B 15 -11.06 0.98 -5.59
N ASN B 16 -11.42 0.71 -6.84
CA ASN B 16 -10.53 -0.01 -7.75
C ASN B 16 -9.40 0.87 -8.27
N ALA B 17 -8.23 0.28 -8.45
CA ALA B 17 -7.17 0.97 -9.17
C ALA B 17 -7.61 1.24 -10.61
N ILE B 18 -7.03 2.27 -11.21
CA ILE B 18 -7.22 2.51 -12.64
C ILE B 18 -5.92 2.20 -13.37
N HIS B 19 -6.04 1.97 -14.67
CA HIS B 19 -4.89 1.77 -15.53
C HIS B 19 -5.25 2.27 -16.92
N ASP B 20 -4.30 2.91 -17.60
CA ASP B 20 -4.53 3.41 -18.95
C ASP B 20 -3.47 2.86 -19.90
CL 495 C . -1.73 -9.36 0.02
C8 495 C . -2.47 -9.87 1.48
N2 495 C . -1.71 -10.42 2.45
N1 495 C . -2.22 -10.81 3.57
C7 495 C . -3.60 -10.72 3.83
O 495 C . -4.05 -11.12 4.90
C6 495 C . -4.42 -10.15 2.84
C5 495 C . -3.84 -9.73 1.65
C1 495 C . -5.79 -10.02 3.03
C2 495 C . -6.59 -9.45 2.03
C3 495 C . -6.01 -9.02 0.84
C4 495 C . -4.63 -9.16 0.64
C1 MPD D . 13.38 3.73 12.15
C2 MPD D . 14.67 3.51 11.37
O2 MPD D . 15.38 4.76 11.26
CM MPD D . 15.56 2.53 12.13
C3 MPD D . 14.37 2.96 9.98
C4 MPD D . 13.61 3.94 9.11
O4 MPD D . 14.22 5.22 9.12
C5 MPD D . 13.52 3.44 7.67
C1 MPD E . -16.85 -4.91 11.16
C2 MPD E . -15.37 -4.99 10.83
O2 MPD E . -14.91 -3.65 10.48
CM MPD E . -14.62 -5.48 12.06
C3 MPD E . -15.09 -5.96 9.69
C4 MPD E . -16.25 -6.21 8.73
O4 MPD E . -16.93 -5.02 8.38
C5 MPD E . -15.75 -6.86 7.45
C1 MPD F . -12.06 -1.33 16.66
C2 MPD F . -13.59 -1.45 16.63
O2 MPD F . -13.90 -2.86 16.87
CM MPD F . -14.28 -0.63 17.72
C3 MPD F . -14.17 -1.03 15.29
C4 MPD F . -13.60 -1.88 14.17
O4 MPD F . -13.52 -3.22 14.56
C5 MPD F . -14.42 -1.79 12.90
H11 MPD F . -11.71 -0.96 15.70
H12 MPD F . -11.63 -2.31 16.85
H13 MPD F . -11.77 -0.64 17.45
HO2 MPD F . -14.41 -3.21 16.11
HM1 MPD F . -14.99 0.06 17.27
HM2 MPD F . -13.52 -0.05 18.26
HM3 MPD F . -14.79 -1.30 18.42
H31 MPD F . -13.94 0.02 15.10
H32 MPD F . -15.26 -1.13 15.30
H4 MPD F . -12.60 -1.51 13.94
HO4 MPD F . -14.35 -3.69 14.33
H51 MPD F . -14.75 -2.79 12.60
H52 MPD F . -13.83 -1.35 12.10
H53 MPD F . -15.30 -1.16 13.07
#